data_9FD0
#
_entry.id   9FD0
#
_cell.length_a   48.593
_cell.length_b   56.767
_cell.length_c   78.216
_cell.angle_alpha   90.00
_cell.angle_beta   90.00
_cell.angle_gamma   90.00
#
_symmetry.space_group_name_H-M   'P 21 21 21'
#
loop_
_entity.id
_entity.type
_entity.pdbx_description
1 polymer 'Dolichyl-phosphate-mannose--protein mannosyltransferase 4'
2 non-polymer '4-(2-HYDROXYETHYL)-1-PIPERAZINE ETHANESULFONIC ACID'
3 non-polymer GLYCEROL
4 water water
#
_entity_poly.entity_id   1
_entity_poly.type   'polypeptide(L)'
_entity_poly.pdbx_seq_one_letter_code
;MKHHHHHHPMSDSKTVNYFDIITIKHQDTDAFLHSHLARYPQRYEDGRISSAGQQVTGYTHPDFNNQWEVLPPHGSDVGK
GQAVLLNQHIRLRHVATDTYLLAHDVASPFYPTNEEITTVTLEEGDGELYPETLFAFQPLKKSDEGHVLKSKTVSFRLFH
VDTSVALWTHNDELLPDWGFQQQEINGNKKVIDPSNNWVVDEIVNLDEVRKVYIPKVVKPLP
;
_entity_poly.pdbx_strand_id   A
#
# COMPACT_ATOMS: atom_id res chain seq x y z
N HIS A 4 0.85 26.39 24.62
CA HIS A 4 0.00 26.49 23.43
C HIS A 4 0.14 25.27 22.49
N HIS A 5 1.37 25.04 22.01
CA HIS A 5 1.65 23.90 21.14
C HIS A 5 1.67 22.58 21.90
N HIS A 6 1.03 21.56 21.31
CA HIS A 6 1.15 20.20 21.80
C HIS A 6 1.81 19.31 20.74
N HIS A 7 2.29 18.16 21.19
CA HIS A 7 2.86 17.18 20.27
C HIS A 7 1.86 16.05 20.06
N HIS A 8 1.59 15.73 18.79
CA HIS A 8 0.70 14.63 18.51
C HIS A 8 1.23 13.35 19.14
N PRO A 9 0.36 12.56 19.78
CA PRO A 9 0.72 11.18 20.07
C PRO A 9 0.83 10.36 18.81
N MET A 10 1.44 9.18 18.97
CA MET A 10 1.61 8.26 17.85
C MET A 10 0.28 7.89 17.23
N SER A 11 -0.76 7.84 18.03
CA SER A 11 -2.01 7.24 17.63
C SER A 11 -2.91 8.21 16.83
N ASP A 12 -2.61 9.54 16.80
CA ASP A 12 -3.31 10.62 16.14
C ASP A 12 -3.07 10.52 14.61
N SER A 13 -4.00 11.08 13.86
CA SER A 13 -3.89 11.22 12.40
C SER A 13 -3.04 12.40 11.97
N LYS A 14 -2.31 12.23 10.87
CA LYS A 14 -1.59 13.30 10.18
C LYS A 14 -1.85 13.23 8.70
N THR A 15 -1.72 14.36 8.01
CA THR A 15 -1.78 14.32 6.54
C THR A 15 -0.61 13.55 5.96
N VAL A 16 -0.89 12.73 4.94
CA VAL A 16 0.14 12.02 4.22
C VAL A 16 0.56 12.84 3.01
N ASN A 17 1.87 13.08 2.89
CA ASN A 17 2.42 13.85 1.79
C ASN A 17 3.26 12.97 0.86
N TYR A 18 3.43 13.43 -0.39
CA TYR A 18 4.35 12.75 -1.28
C TYR A 18 5.71 12.72 -0.64
N PHE A 19 6.43 11.64 -0.87
CA PHE A 19 7.74 11.35 -0.32
C PHE A 19 7.71 10.94 1.12
N ASP A 20 6.55 10.85 1.72
CA ASP A 20 6.49 10.20 3.00
C ASP A 20 6.81 8.73 2.88
N ILE A 21 7.34 8.17 3.96
CA ILE A 21 7.49 6.73 4.12
C ILE A 21 6.41 6.28 5.08
N ILE A 22 5.58 5.40 4.59
CA ILE A 22 4.36 5.00 5.29
C ILE A 22 4.31 3.48 5.47
N THR A 23 3.43 3.07 6.38
CA THR A 23 2.97 1.69 6.45
C THR A 23 1.46 1.69 6.17
N ILE A 24 0.98 0.59 5.57
CA ILE A 24 -0.38 0.46 5.04
C ILE A 24 -0.99 -0.81 5.62
N LYS A 25 -2.07 -0.65 6.37
CA LYS A 25 -2.68 -1.70 7.19
C LYS A 25 -4.05 -2.06 6.65
N HIS A 26 -4.29 -3.37 6.60
CA HIS A 26 -5.55 -3.91 6.12
C HIS A 26 -6.59 -3.93 7.24
N GLN A 27 -7.78 -3.40 6.96
CA GLN A 27 -8.73 -3.20 8.07
C GLN A 27 -9.19 -4.52 8.67
N ASP A 28 -9.49 -5.50 7.83
CA ASP A 28 -10.11 -6.69 8.40
C ASP A 28 -9.15 -7.62 9.13
N THR A 29 -7.87 -7.66 8.75
CA THR A 29 -6.90 -8.56 9.34
C THR A 29 -5.81 -7.86 10.18
N ASP A 30 -5.70 -6.53 10.09
CA ASP A 30 -4.67 -5.80 10.79
C ASP A 30 -3.28 -6.09 10.25
N ALA A 31 -3.19 -6.68 9.07
CA ALA A 31 -1.88 -6.96 8.46
C ALA A 31 -1.33 -5.75 7.70
N PHE A 32 -0.01 -5.58 7.75
CA PHE A 32 0.70 -4.57 6.98
C PHE A 32 1.06 -5.10 5.63
N LEU A 33 0.96 -4.24 4.62
CA LEU A 33 1.54 -4.52 3.30
C LEU A 33 3.06 -4.66 3.46
N HIS A 34 3.61 -5.79 3.07
CA HIS A 34 4.96 -6.21 3.43
C HIS A 34 5.65 -6.78 2.22
N SER A 35 6.95 -6.59 2.15
CA SER A 35 7.74 -7.28 1.14
C SER A 35 9.10 -7.65 1.72
N HIS A 36 9.84 -8.50 1.02
CA HIS A 36 11.12 -9.00 1.51
C HIS A 36 11.83 -9.65 0.31
N LEU A 37 13.06 -10.13 0.52
CA LEU A 37 13.88 -10.58 -0.62
C LEU A 37 13.35 -11.86 -1.25
N ALA A 38 12.64 -12.69 -0.49
CA ALA A 38 12.19 -13.98 -1.00
C ALA A 38 11.32 -13.80 -2.22
N ARG A 39 11.41 -14.78 -3.13
CA ARG A 39 10.66 -14.75 -4.36
C ARG A 39 9.56 -15.80 -4.41
N TYR A 40 8.58 -15.59 -5.25
CA TYR A 40 7.53 -16.63 -5.44
C TYR A 40 8.18 -17.88 -6.02
N PRO A 41 7.72 -19.07 -5.64
CA PRO A 41 8.19 -20.29 -6.30
C PRO A 41 7.96 -20.18 -7.79
N GLN A 42 8.88 -20.78 -8.56
CA GLN A 42 8.69 -20.73 -9.99
C GLN A 42 7.40 -21.39 -10.44
N ARG A 43 7.08 -22.52 -9.83
CA ARG A 43 5.88 -23.28 -10.17
C ARG A 43 5.19 -23.71 -8.90
N TYR A 44 3.88 -23.54 -8.86
CA TYR A 44 3.10 -23.98 -7.72
C TYR A 44 2.80 -25.46 -7.82
N GLU A 45 2.23 -26.02 -6.73
CA GLU A 45 1.99 -27.47 -6.68
C GLU A 45 0.99 -27.93 -7.73
N ASP A 46 0.09 -27.04 -8.17
CA ASP A 46 -0.88 -27.39 -9.19
C ASP A 46 -0.34 -27.24 -10.61
N GLY A 47 0.91 -26.83 -10.74
CA GLY A 47 1.54 -26.65 -12.04
C GLY A 47 1.51 -25.23 -12.56
N ARG A 48 0.76 -24.29 -11.96
CA ARG A 48 0.73 -22.93 -12.49
C ARG A 48 2.08 -22.31 -12.24
N ILE A 49 2.50 -21.43 -13.15
CA ILE A 49 3.78 -20.73 -12.97
C ILE A 49 3.51 -19.30 -12.45
N SER A 50 4.39 -18.85 -11.56
CA SER A 50 4.33 -17.48 -11.09
C SER A 50 5.24 -16.61 -11.98
N SER A 51 5.37 -15.33 -11.67
CA SER A 51 6.36 -14.48 -12.32
C SER A 51 7.76 -14.72 -11.78
N ALA A 52 7.91 -15.51 -10.70
CA ALA A 52 9.14 -15.72 -9.97
C ALA A 52 9.66 -14.42 -9.36
N GLY A 53 8.78 -13.46 -9.23
CA GLY A 53 9.16 -12.15 -8.73
C GLY A 53 9.18 -12.09 -7.21
N GLN A 54 9.61 -10.93 -6.70
CA GLN A 54 9.66 -10.70 -5.27
C GLN A 54 8.24 -10.86 -4.65
N GLN A 55 8.19 -11.56 -3.53
CA GLN A 55 6.92 -11.73 -2.82
C GLN A 55 6.43 -10.42 -2.20
N VAL A 56 5.12 -10.28 -2.14
CA VAL A 56 4.47 -9.24 -1.34
C VAL A 56 3.46 -10.00 -0.47
N THR A 57 3.47 -9.70 0.81
CA THR A 57 2.70 -10.47 1.80
C THR A 57 2.02 -9.52 2.76
N GLY A 58 1.19 -10.10 3.63
CA GLY A 58 0.67 -9.37 4.78
C GLY A 58 1.29 -9.86 6.07
N TYR A 59 1.80 -8.91 6.86
CA TYR A 59 2.54 -9.27 8.06
C TYR A 59 2.00 -8.39 9.19
N THR A 60 1.63 -9.04 10.31
CA THR A 60 0.86 -8.37 11.35
C THR A 60 1.67 -7.71 12.46
N HIS A 61 2.97 -7.54 12.32
CA HIS A 61 3.84 -6.92 13.32
C HIS A 61 4.64 -5.78 12.74
N PRO A 62 5.01 -4.80 13.54
CA PRO A 62 5.86 -3.72 13.04
C PRO A 62 7.19 -4.24 12.53
N ASP A 63 7.65 -3.68 11.40
CA ASP A 63 8.88 -4.14 10.76
C ASP A 63 9.30 -3.13 9.70
N PHE A 64 10.60 -2.96 9.56
CA PHE A 64 11.15 -2.14 8.50
C PHE A 64 10.62 -2.54 7.13
N ASN A 65 10.43 -3.84 6.93
CA ASN A 65 9.99 -4.33 5.62
C ASN A 65 8.52 -3.98 5.32
N ASN A 66 7.79 -3.33 6.23
CA ASN A 66 6.48 -2.78 5.99
C ASN A 66 6.52 -1.36 5.38
N GLN A 67 7.70 -0.75 5.21
CA GLN A 67 7.79 0.65 4.84
C GLN A 67 7.82 0.83 3.33
N TRP A 68 7.02 1.75 2.86
CA TRP A 68 6.90 2.10 1.45
C TRP A 68 6.92 3.61 1.28
N GLU A 69 7.73 4.12 0.33
CA GLU A 69 7.72 5.54 0.03
C GLU A 69 6.62 5.84 -1.00
N VAL A 70 5.79 6.81 -0.72
CA VAL A 70 4.75 7.21 -1.63
CA VAL A 70 4.75 7.20 -1.64
C VAL A 70 5.29 8.23 -2.63
N LEU A 71 5.16 7.94 -3.91
CA LEU A 71 5.73 8.78 -4.95
C LEU A 71 4.70 9.24 -5.96
N PRO A 72 4.92 10.41 -6.56
CA PRO A 72 4.03 10.91 -7.62
C PRO A 72 4.36 10.22 -8.94
N PRO A 73 3.54 10.41 -9.95
CA PRO A 73 3.88 9.90 -11.30
C PRO A 73 5.08 10.61 -11.91
N HIS A 74 5.60 10.00 -12.96
CA HIS A 74 6.62 10.70 -13.77
C HIS A 74 6.10 12.03 -14.27
N GLY A 75 7.03 12.96 -14.43
CA GLY A 75 6.76 14.26 -14.99
C GLY A 75 6.03 15.19 -14.06
N SER A 76 5.90 14.84 -12.80
CA SER A 76 5.26 15.74 -11.85
C SER A 76 6.34 16.66 -11.29
N ASP A 77 5.92 17.79 -10.82
CA ASP A 77 6.89 18.71 -10.29
C ASP A 77 6.60 18.85 -8.82
N VAL A 78 6.76 17.81 -8.02
CA VAL A 78 6.28 17.80 -6.64
C VAL A 78 7.49 17.92 -5.70
N GLY A 79 7.39 18.83 -4.74
CA GLY A 79 8.32 18.91 -3.64
C GLY A 79 7.75 18.39 -2.34
N LYS A 80 8.34 18.83 -1.24
CA LYS A 80 7.85 18.42 0.06
C LYS A 80 6.61 19.22 0.45
N GLY A 81 5.85 18.66 1.39
CA GLY A 81 4.69 19.31 1.91
C GLY A 81 3.49 19.26 1.01
N GLN A 82 3.46 18.32 0.04
CA GLN A 82 2.33 18.25 -0.85
C GLN A 82 1.48 17.04 -0.47
N ALA A 83 0.26 17.30 -0.06
CA ALA A 83 -0.59 16.20 0.38
C ALA A 83 -0.95 15.27 -0.78
N VAL A 84 -1.05 13.99 -0.47
CA VAL A 84 -1.61 12.99 -1.39
C VAL A 84 -3.11 13.16 -1.33
N LEU A 85 -3.76 13.17 -2.49
CA LEU A 85 -5.21 13.24 -2.54
C LEU A 85 -5.76 11.90 -3.01
N LEU A 86 -6.92 11.61 -2.48
CA LEU A 86 -7.61 10.37 -2.87
C LEU A 86 -7.86 10.36 -4.37
N ASN A 87 -7.62 9.20 -4.99
CA ASN A 87 -7.80 8.93 -6.40
C ASN A 87 -6.70 9.48 -7.31
N GLN A 88 -5.71 10.24 -6.79
CA GLN A 88 -4.55 10.55 -7.60
C GLN A 88 -3.74 9.30 -7.88
N HIS A 89 -3.06 9.28 -9.05
CA HIS A 89 -2.16 8.18 -9.31
C HIS A 89 -0.92 8.33 -8.47
N ILE A 90 -0.51 7.23 -7.87
CA ILE A 90 0.65 7.19 -6.99
C ILE A 90 1.47 5.95 -7.30
N ARG A 91 2.69 5.93 -6.78
CA ARG A 91 3.56 4.78 -6.82
C ARG A 91 4.10 4.49 -5.43
N LEU A 92 4.46 3.22 -5.16
CA LEU A 92 4.93 2.82 -3.85
C LEU A 92 6.25 2.11 -4.01
N ARG A 93 7.27 2.70 -3.40
CA ARG A 93 8.60 2.13 -3.43
C ARG A 93 8.91 1.45 -2.10
N HIS A 94 9.21 0.17 -2.17
CA HIS A 94 9.57 -0.62 -0.99
C HIS A 94 10.95 -0.17 -0.47
N VAL A 95 10.99 0.41 0.72
CA VAL A 95 12.22 1.05 1.19
C VAL A 95 13.34 0.05 1.42
N ALA A 96 13.05 -1.12 2.00
CA ALA A 96 14.12 -2.04 2.35
C ALA A 96 14.79 -2.63 1.13
N THR A 97 14.06 -2.80 0.02
CA THR A 97 14.64 -3.44 -1.17
C THR A 97 14.85 -2.49 -2.35
N ASP A 98 14.35 -1.27 -2.29
CA ASP A 98 14.42 -0.28 -3.37
C ASP A 98 13.78 -0.79 -4.66
N THR A 99 12.54 -1.28 -4.55
CA THR A 99 11.77 -1.85 -5.67
C THR A 99 10.40 -1.20 -5.71
N TYR A 100 9.72 -1.17 -6.87
CA TYR A 100 8.38 -0.55 -6.98
C TYR A 100 7.29 -1.65 -6.89
N LEU A 101 6.23 -1.36 -6.13
CA LEU A 101 5.06 -2.24 -6.14
C LEU A 101 4.52 -2.33 -7.58
N LEU A 102 4.07 -3.54 -7.95
CA LEU A 102 3.55 -3.82 -9.27
C LEU A 102 2.48 -4.92 -9.16
N ALA A 103 1.42 -4.77 -9.94
CA ALA A 103 0.46 -5.86 -10.13
C ALA A 103 0.39 -6.14 -11.64
N HIS A 104 -0.12 -7.33 -11.97
CA HIS A 104 -0.20 -7.70 -13.36
C HIS A 104 -1.10 -8.93 -13.46
N ASP A 105 -1.54 -9.22 -14.69
CA ASP A 105 -2.48 -10.32 -14.91
C ASP A 105 -1.74 -11.66 -15.03
N VAL A 106 -1.27 -12.09 -13.88
CA VAL A 106 -0.64 -13.38 -13.60
C VAL A 106 -1.37 -13.97 -12.40
N ALA A 107 -1.74 -15.23 -12.48
CA ALA A 107 -2.50 -15.80 -11.37
C ALA A 107 -1.69 -15.76 -10.08
N SER A 108 -2.38 -15.40 -9.01
CA SER A 108 -1.78 -15.24 -7.71
C SER A 108 -1.45 -16.60 -7.05
N PRO A 109 -0.78 -16.60 -5.90
CA PRO A 109 -0.32 -17.87 -5.33
C PRO A 109 -1.46 -18.84 -5.04
N PHE A 110 -2.49 -18.37 -4.35
CA PHE A 110 -3.58 -19.28 -3.98
C PHE A 110 -4.85 -19.09 -4.79
N TYR A 111 -5.06 -17.96 -5.46
CA TYR A 111 -6.35 -17.66 -6.12
C TYR A 111 -6.09 -17.55 -7.62
N PRO A 112 -6.35 -18.60 -8.41
CA PRO A 112 -6.04 -18.54 -9.85
C PRO A 112 -6.72 -17.43 -10.60
N THR A 113 -7.84 -16.89 -10.14
CA THR A 113 -8.55 -15.85 -10.85
C THR A 113 -8.27 -14.46 -10.29
N ASN A 114 -7.38 -14.33 -9.32
CA ASN A 114 -6.93 -13.04 -8.77
C ASN A 114 -5.49 -12.85 -9.20
N GLU A 115 -5.00 -11.58 -9.12
CA GLU A 115 -3.72 -11.21 -9.69
C GLU A 115 -2.55 -11.28 -8.69
N GLU A 116 -1.40 -11.67 -9.20
CA GLU A 116 -0.16 -11.63 -8.44
C GLU A 116 0.30 -10.19 -8.22
N ILE A 117 0.72 -9.91 -6.99
CA ILE A 117 1.35 -8.63 -6.61
C ILE A 117 2.81 -8.88 -6.34
N THR A 118 3.69 -8.04 -6.92
CA THR A 118 5.10 -8.23 -6.79
C THR A 118 5.75 -6.85 -6.69
N THR A 119 7.07 -6.83 -6.84
CA THR A 119 7.78 -5.56 -6.96
C THR A 119 8.75 -5.71 -8.14
N VAL A 120 9.19 -4.57 -8.67
CA VAL A 120 10.14 -4.63 -9.81
C VAL A 120 11.29 -3.65 -9.56
N THR A 121 12.37 -3.86 -10.27
CA THR A 121 13.55 -2.98 -10.13
C THR A 121 13.22 -1.58 -10.60
N LEU A 122 14.05 -0.62 -10.17
CA LEU A 122 13.88 0.76 -10.65
C LEU A 122 13.90 0.83 -12.17
N GLU A 123 14.87 0.16 -12.79
CA GLU A 123 15.04 0.26 -14.23
C GLU A 123 13.81 -0.25 -14.96
N GLU A 124 13.27 -1.37 -14.50
CA GLU A 124 12.06 -1.90 -15.14
C GLU A 124 10.87 -1.02 -14.84
N GLY A 125 10.73 -0.66 -13.58
CA GLY A 125 9.58 0.11 -13.19
C GLY A 125 9.49 1.53 -13.68
N ASP A 126 10.61 2.16 -13.99
CA ASP A 126 10.61 3.48 -14.59
C ASP A 126 10.74 3.42 -16.10
N GLY A 127 10.77 2.21 -16.66
CA GLY A 127 10.81 2.03 -18.10
C GLY A 127 9.59 1.29 -18.61
N GLU A 128 9.79 0.08 -19.15
CA GLU A 128 8.73 -0.62 -19.87
C GLU A 128 7.57 -0.98 -18.97
N LEU A 129 7.83 -1.16 -17.69
CA LEU A 129 6.75 -1.63 -16.79
C LEU A 129 6.12 -0.47 -16.03
N TYR A 130 6.51 0.76 -16.33
CA TYR A 130 5.96 1.92 -15.62
C TYR A 130 4.44 1.89 -15.47
N PRO A 131 3.66 1.69 -16.51
CA PRO A 131 2.22 1.80 -16.35
C PRO A 131 1.68 0.86 -15.28
N GLU A 132 2.36 -0.26 -15.04
CA GLU A 132 1.90 -1.26 -14.09
C GLU A 132 2.31 -0.96 -12.66
N THR A 133 3.05 0.13 -12.48
CA THR A 133 3.44 0.59 -11.14
C THR A 133 2.52 1.68 -10.63
N LEU A 134 1.48 2.04 -11.34
CA LEU A 134 0.55 3.08 -10.91
C LEU A 134 -0.61 2.52 -10.10
N PHE A 135 -0.77 3.07 -8.94
CA PHE A 135 -1.88 2.73 -8.03
C PHE A 135 -2.65 4.01 -7.71
N ALA A 136 -3.74 3.84 -6.96
CA ALA A 136 -4.40 5.01 -6.39
C ALA A 136 -4.91 4.60 -5.00
N PHE A 137 -4.91 5.58 -4.09
CA PHE A 137 -5.67 5.42 -2.82
C PHE A 137 -7.10 5.77 -3.20
N GLN A 138 -7.90 4.74 -3.59
CA GLN A 138 -9.23 4.97 -4.13
C GLN A 138 -10.24 5.14 -3.01
N PRO A 139 -11.02 6.23 -3.00
CA PRO A 139 -11.98 6.46 -1.93
C PRO A 139 -13.12 5.49 -2.05
N LEU A 140 -13.76 5.20 -0.91
CA LEU A 140 -14.89 4.25 -0.96
C LEU A 140 -16.10 4.85 -1.65
N LYS A 141 -16.28 6.16 -1.54
CA LYS A 141 -17.30 6.93 -2.22
C LYS A 141 -16.64 7.84 -3.22
N LYS A 142 -17.15 7.84 -4.45
CA LYS A 142 -16.51 8.57 -5.53
C LYS A 142 -16.44 10.07 -5.27
N SER A 143 -17.40 10.61 -4.53
CA SER A 143 -17.42 12.05 -4.26
C SER A 143 -16.23 12.52 -3.42
N ASP A 144 -15.47 11.60 -2.83
CA ASP A 144 -14.32 11.95 -2.00
C ASP A 144 -13.03 11.99 -2.80
N GLU A 145 -13.11 11.77 -4.12
CA GLU A 145 -11.93 11.99 -4.95
C GLU A 145 -11.41 13.42 -4.76
N GLY A 146 -10.11 13.55 -4.63
CA GLY A 146 -9.51 14.83 -4.43
C GLY A 146 -9.43 15.28 -2.99
N HIS A 147 -10.03 14.55 -2.06
CA HIS A 147 -9.86 14.86 -0.65
C HIS A 147 -8.48 14.38 -0.13
N VAL A 148 -8.05 14.98 0.97
CA VAL A 148 -6.71 14.73 1.48
C VAL A 148 -6.62 13.34 2.12
N LEU A 149 -5.57 12.60 1.79
CA LEU A 149 -5.28 11.38 2.52
C LEU A 149 -4.63 11.69 3.84
N LYS A 150 -5.20 11.13 4.89
CA LYS A 150 -4.65 11.23 6.25
C LYS A 150 -4.43 9.84 6.81
N SER A 151 -3.44 9.73 7.68
CA SER A 151 -3.18 8.47 8.35
C SER A 151 -4.32 8.09 9.32
N LYS A 152 -4.55 6.79 9.41
CA LYS A 152 -5.42 6.14 10.38
C LYS A 152 -6.91 6.34 10.17
N THR A 153 -7.35 7.49 9.69
CA THR A 153 -8.75 7.86 9.70
C THR A 153 -9.41 7.83 8.35
N VAL A 154 -8.65 7.60 7.27
CA VAL A 154 -9.18 7.65 5.93
C VAL A 154 -9.11 6.24 5.31
N SER A 155 -10.26 5.62 5.06
CA SER A 155 -10.34 4.32 4.40
C SER A 155 -10.07 4.50 2.91
N PHE A 156 -9.50 3.46 2.30
CA PHE A 156 -9.36 3.44 0.86
C PHE A 156 -9.22 2.00 0.38
N ARG A 157 -9.36 1.80 -0.92
CA ARG A 157 -8.88 0.61 -1.60
C ARG A 157 -7.53 0.96 -2.21
N LEU A 158 -6.62 0.01 -2.15
CA LEU A 158 -5.30 0.16 -2.83
C LEU A 158 -5.54 -0.38 -4.23
N PHE A 159 -5.77 0.52 -5.18
CA PHE A 159 -6.34 0.17 -6.48
C PHE A 159 -5.25 0.21 -7.55
N HIS A 160 -5.16 -0.85 -8.37
CA HIS A 160 -4.19 -0.88 -9.46
C HIS A 160 -4.78 -0.31 -10.74
N VAL A 161 -4.15 0.74 -11.26
CA VAL A 161 -4.76 1.47 -12.36
C VAL A 161 -4.85 0.60 -13.61
N ASP A 162 -3.75 -0.11 -13.96
CA ASP A 162 -3.69 -0.77 -15.29
C ASP A 162 -4.68 -1.93 -15.39
N THR A 163 -4.91 -2.68 -14.30
CA THR A 163 -5.77 -3.88 -14.38
C THR A 163 -7.06 -3.77 -13.59
N SER A 164 -7.28 -2.66 -12.88
CA SER A 164 -8.54 -2.42 -12.20
C SER A 164 -8.82 -3.50 -11.16
N VAL A 165 -7.83 -3.83 -10.33
CA VAL A 165 -8.04 -4.71 -9.18
C VAL A 165 -7.76 -3.92 -7.92
N ALA A 166 -8.30 -4.42 -6.82
CA ALA A 166 -8.04 -3.87 -5.48
C ALA A 166 -7.23 -4.86 -4.67
N LEU A 167 -6.13 -4.41 -4.06
CA LEU A 167 -5.27 -5.32 -3.31
C LEU A 167 -6.00 -5.84 -2.06
N TRP A 168 -5.82 -7.12 -1.80
CA TRP A 168 -6.63 -7.87 -0.84
C TRP A 168 -5.76 -8.85 -0.10
N THR A 169 -6.12 -9.13 1.15
CA THR A 169 -5.47 -10.15 1.93
C THR A 169 -6.50 -10.83 2.79
N HIS A 170 -6.05 -11.87 3.45
CA HIS A 170 -6.95 -12.78 4.20
C HIS A 170 -6.12 -13.54 5.21
N ASN A 171 -6.82 -14.06 6.23
CA ASN A 171 -6.15 -14.78 7.30
C ASN A 171 -6.91 -16.06 7.65
N ASP A 172 -7.74 -16.55 6.74
CA ASP A 172 -8.32 -17.90 6.88
C ASP A 172 -7.26 -19.00 6.71
N GLU A 173 -6.29 -18.78 5.82
CA GLU A 173 -5.18 -19.70 5.60
C GLU A 173 -4.01 -18.83 5.21
N LEU A 174 -2.85 -19.23 5.63
CA LEU A 174 -1.63 -18.46 5.39
C LEU A 174 -0.78 -19.10 4.30
N LEU A 175 0.20 -18.34 3.84
CA LEU A 175 1.15 -18.90 2.89
C LEU A 175 1.95 -20.09 3.47
N PRO A 176 2.47 -20.95 2.64
CA PRO A 176 3.29 -22.07 3.13
C PRO A 176 4.65 -21.61 3.60
N ASP A 177 5.54 -22.54 3.91
CA ASP A 177 6.86 -22.21 4.39
C ASP A 177 7.64 -21.30 3.44
N TRP A 178 7.44 -21.43 2.12
CA TRP A 178 8.18 -20.55 1.19
C TRP A 178 7.82 -19.07 1.39
N GLY A 179 6.64 -18.77 1.98
CA GLY A 179 6.14 -17.43 2.25
C GLY A 179 6.17 -17.12 3.74
N PHE A 180 6.93 -17.92 4.50
CA PHE A 180 7.13 -17.74 5.95
C PHE A 180 5.87 -17.67 6.74
N GLN A 181 4.86 -18.39 6.27
CA GLN A 181 3.54 -18.43 6.96
C GLN A 181 3.03 -17.01 7.22
N GLN A 182 3.24 -16.10 6.24
CA GLN A 182 2.61 -14.79 6.20
C GLN A 182 1.29 -14.83 5.40
N GLN A 183 0.56 -13.75 5.44
CA GLN A 183 -0.68 -13.67 4.67
C GLN A 183 -0.40 -13.46 3.19
N GLU A 184 -1.15 -14.18 2.36
CA GLU A 184 -1.10 -13.90 0.93
C GLU A 184 -1.73 -12.52 0.64
N ILE A 185 -1.12 -11.80 -0.32
CA ILE A 185 -1.69 -10.60 -0.90
C ILE A 185 -1.97 -10.94 -2.36
N ASN A 186 -3.13 -10.54 -2.86
CA ASN A 186 -3.43 -10.64 -4.31
C ASN A 186 -4.35 -9.51 -4.77
N GLY A 187 -4.51 -9.37 -6.08
CA GLY A 187 -5.35 -8.35 -6.62
C GLY A 187 -6.73 -8.87 -6.92
N ASN A 188 -7.68 -8.40 -6.14
CA ASN A 188 -9.07 -8.85 -6.20
C ASN A 188 -9.85 -8.12 -7.30
N LYS A 189 -10.46 -8.86 -8.23
CA LYS A 189 -11.27 -8.28 -9.27
C LYS A 189 -12.62 -7.79 -8.77
N LYS A 190 -13.05 -8.25 -7.58
CA LYS A 190 -14.31 -7.81 -7.01
C LYS A 190 -14.00 -6.59 -6.15
N VAL A 191 -13.93 -5.43 -6.81
CA VAL A 191 -13.37 -4.23 -6.18
C VAL A 191 -14.20 -3.79 -4.99
N ILE A 192 -15.55 -3.94 -5.06
CA ILE A 192 -16.39 -3.39 -3.96
C ILE A 192 -16.42 -4.22 -2.68
N ASP A 193 -15.83 -5.42 -2.62
CA ASP A 193 -15.81 -6.19 -1.38
C ASP A 193 -15.23 -5.29 -0.27
N PRO A 194 -15.93 -5.13 0.86
CA PRO A 194 -15.36 -4.32 1.97
C PRO A 194 -14.06 -4.90 2.53
N SER A 195 -13.76 -6.17 2.25
CA SER A 195 -12.47 -6.71 2.68
C SER A 195 -11.28 -6.18 1.85
N ASN A 196 -11.54 -5.31 0.91
CA ASN A 196 -10.48 -4.63 0.16
C ASN A 196 -10.09 -3.30 0.82
N ASN A 197 -10.56 -3.01 2.05
CA ASN A 197 -10.34 -1.70 2.66
C ASN A 197 -9.08 -1.68 3.52
N TRP A 198 -8.32 -0.57 3.39
CA TRP A 198 -7.08 -0.40 4.10
C TRP A 198 -7.08 1.01 4.74
N VAL A 199 -6.08 1.28 5.59
CA VAL A 199 -5.73 2.64 6.01
C VAL A 199 -4.23 2.80 5.89
N VAL A 200 -3.77 4.07 5.97
CA VAL A 200 -2.34 4.30 6.25
C VAL A 200 -2.15 4.28 7.77
N ASP A 201 -1.26 3.45 8.28
CA ASP A 201 -1.08 3.31 9.72
C ASP A 201 -0.13 4.33 10.31
N GLU A 202 1.00 4.52 9.70
CA GLU A 202 2.09 5.32 10.27
C GLU A 202 2.78 6.07 9.16
N ILE A 203 3.24 7.27 9.47
CA ILE A 203 4.17 8.03 8.63
C ILE A 203 5.47 8.05 9.42
N VAL A 204 6.46 7.30 8.91
CA VAL A 204 7.68 7.00 9.63
C VAL A 204 8.61 8.20 9.67
N ASN A 205 8.59 9.04 8.63
CA ASN A 205 9.49 10.18 8.47
C ASN A 205 8.76 11.51 8.64
N LEU A 206 7.86 11.54 9.60
CA LEU A 206 7.09 12.73 9.89
C LEU A 206 7.99 13.91 10.27
N ASP A 207 7.75 15.08 9.68
CA ASP A 207 8.54 16.30 9.87
C ASP A 207 7.99 17.06 11.09
N GLU A 208 8.73 18.09 11.55
CA GLU A 208 8.35 18.81 12.78
C GLU A 208 7.08 19.64 12.61
N VAL A 209 6.89 20.21 11.42
CA VAL A 209 5.66 20.91 11.02
C VAL A 209 4.42 20.09 11.35
N ARG A 210 4.49 18.76 11.17
CA ARG A 210 3.32 17.91 11.33
C ARG A 210 3.31 17.22 12.67
N LYS A 211 4.33 17.36 13.51
CA LYS A 211 4.23 16.76 14.83
C LYS A 211 3.56 17.69 15.85
N VAL A 212 3.53 18.99 15.57
CA VAL A 212 3.05 20.05 16.48
C VAL A 212 1.64 20.42 16.07
N TYR A 213 0.74 20.61 17.06
CA TYR A 213 -0.59 21.07 16.73
C TYR A 213 -1.13 21.87 17.90
N ILE A 214 -2.15 22.68 17.64
CA ILE A 214 -2.92 23.38 18.69
C ILE A 214 -4.23 22.63 18.94
N PRO A 215 -4.46 22.09 20.14
CA PRO A 215 -5.70 21.34 20.40
C PRO A 215 -6.96 22.11 20.07
N LYS A 216 -7.95 21.39 19.56
CA LYS A 216 -9.23 21.97 19.37
C LYS A 216 -9.94 22.06 20.74
N VAL A 217 -10.78 23.06 20.86
CA VAL A 217 -11.53 23.35 22.07
C VAL A 217 -12.92 22.76 21.96
N VAL A 218 -13.31 21.95 22.95
CA VAL A 218 -14.68 21.41 22.98
C VAL A 218 -15.65 22.50 23.38
N LYS A 219 -16.73 22.61 22.70
CA LYS A 219 -17.67 23.65 23.08
C LYS A 219 -18.51 23.20 24.28
N PRO A 220 -18.75 24.09 25.25
CA PRO A 220 -19.55 23.73 26.40
C PRO A 220 -20.98 23.54 25.99
N LEU A 221 -21.67 22.73 26.73
CA LEU A 221 -23.08 22.52 26.52
C LEU A 221 -23.89 23.68 27.07
#